data_6WE2
#
_entry.id   6WE2
#
_cell.length_a   83.500
_cell.length_b   84.050
_cell.length_c   80.890
_cell.angle_alpha   90.00
_cell.angle_beta   116.02
_cell.angle_gamma   90.00
#
_symmetry.space_group_name_H-M   'C 1 2 1'
#
loop_
_entity.id
_entity.type
_entity.pdbx_description
1 polymer 'Isoform 1 of Protein mono-ADP-ribosyltransferase PARP14'
2 non-polymer 7-(cyclopropylmethoxy)-5-fluoro-2-{[(trans-4-hydroxycyclohexyl)sulfanyl]methyl}quinazolin-4(3H)-one
3 non-polymer 1,2-ETHANEDIOL
4 water water
#
_entity_poly.entity_id   1
_entity_poly.type   'polypeptide(L)'
_entity_poly.pdbx_seq_one_letter_code
;KQQNFCVVELLPSDPEYNTVASKFNQTCSHFRIEKIERIQNPDLWNSYQAKKKTMDAKNGQTMNEKQLFHGTDAGSVPHV
NRNGFNRSYAGKNAVAYGKGTYFAVNANYSANDTYSRPDANGRKHVYYVRVLTGIYTHGNHSLIVPPSKNPQNPTDLYDT
VTDNVHHPSLFVAFYDYQAYPEYLITFRK
;
_entity_poly.pdbx_strand_id   A,B
#
# COMPACT_ATOMS: atom_id res chain seq x y z
N LYS A 1 2.20 -0.39 -31.07
CA LYS A 1 3.54 -0.71 -30.51
C LYS A 1 4.08 0.51 -29.74
N GLN A 2 4.02 1.70 -30.35
N GLN A 2 4.03 1.71 -30.33
CA GLN A 2 4.50 2.98 -29.75
CA GLN A 2 4.54 2.95 -29.69
C GLN A 2 3.52 3.46 -28.66
C GLN A 2 3.53 3.46 -28.65
N GLN A 3 2.25 3.06 -28.79
CA GLN A 3 1.16 3.34 -27.81
C GLN A 3 1.09 4.84 -27.49
N ASN A 4 1.13 5.70 -28.50
CA ASN A 4 0.92 7.17 -28.33
C ASN A 4 -0.49 7.37 -27.75
N PHE A 5 -0.78 8.55 -27.22
CA PHE A 5 -2.06 8.83 -26.53
C PHE A 5 -2.44 10.30 -26.65
N CYS A 6 -3.67 10.62 -26.24
CA CYS A 6 -4.25 11.98 -26.18
C CYS A 6 -4.98 12.14 -24.84
N VAL A 7 -4.99 13.35 -24.30
CA VAL A 7 -5.69 13.68 -23.03
C VAL A 7 -6.77 14.71 -23.36
N VAL A 8 -8.03 14.25 -23.41
CA VAL A 8 -9.21 15.12 -23.70
C VAL A 8 -9.85 15.51 -22.36
N GLU A 9 -9.90 16.81 -22.06
CA GLU A 9 -10.55 17.33 -20.84
C GLU A 9 -12.07 17.37 -21.07
N LEU A 10 -12.83 16.73 -20.19
CA LEU A 10 -14.32 16.74 -20.19
C LEU A 10 -14.80 18.05 -19.56
N LEU A 11 -15.74 18.74 -20.21
CA LEU A 11 -16.47 19.87 -19.60
C LEU A 11 -17.36 19.31 -18.50
N PRO A 12 -17.48 19.98 -17.33
CA PRO A 12 -18.46 19.59 -16.31
C PRO A 12 -19.91 19.49 -16.79
N SER A 13 -20.24 20.09 -17.94
CA SER A 13 -21.57 20.00 -18.60
C SER A 13 -21.69 18.72 -19.45
N ASP A 14 -20.57 18.05 -19.77
CA ASP A 14 -20.52 16.78 -20.55
C ASP A 14 -21.20 15.67 -19.74
N PRO A 15 -22.14 14.90 -20.32
CA PRO A 15 -22.70 13.73 -19.64
C PRO A 15 -21.64 12.81 -18.99
N GLU A 16 -20.59 12.47 -19.74
CA GLU A 16 -19.45 11.63 -19.28
C GLU A 16 -18.92 12.11 -17.92
N TYR A 17 -18.76 13.43 -17.74
CA TYR A 17 -18.30 14.04 -16.47
C TYR A 17 -19.26 13.65 -15.34
N ASN A 18 -20.57 13.82 -15.55
CA ASN A 18 -21.61 13.55 -14.53
C ASN A 18 -21.51 12.09 -14.08
N THR A 19 -21.28 11.16 -15.01
CA THR A 19 -21.22 9.69 -14.75
C THR A 19 -20.00 9.36 -13.89
N VAL A 20 -18.81 9.83 -14.29
CA VAL A 20 -17.52 9.52 -13.59
C VAL A 20 -17.59 10.17 -12.20
N ALA A 21 -18.03 11.43 -12.14
CA ALA A 21 -18.19 12.23 -10.90
C ALA A 21 -19.18 11.53 -9.96
N SER A 22 -20.33 11.11 -10.50
CA SER A 22 -21.40 10.39 -9.77
C SER A 22 -20.81 9.20 -9.00
N LYS A 23 -19.96 8.39 -9.66
CA LYS A 23 -19.36 7.17 -9.07
C LYS A 23 -18.32 7.57 -8.02
N PHE A 24 -17.39 8.45 -8.39
CA PHE A 24 -16.37 9.01 -7.48
C PHE A 24 -17.06 9.49 -6.19
N ASN A 25 -18.16 10.23 -6.35
CA ASN A 25 -18.88 10.96 -5.27
C ASN A 25 -19.68 10.01 -4.37
N GLN A 26 -19.70 8.71 -4.64
CA GLN A 26 -20.33 7.71 -3.74
C GLN A 26 -19.54 7.63 -2.42
N THR A 27 -18.24 7.93 -2.44
CA THR A 27 -17.32 7.74 -1.28
C THR A 27 -16.36 8.94 -1.10
N CYS A 28 -16.35 9.91 -2.02
CA CYS A 28 -15.37 11.02 -2.07
C CYS A 28 -16.09 12.34 -2.39
N SER A 29 -17.22 12.61 -1.72
CA SER A 29 -18.06 13.83 -1.93
C SER A 29 -17.44 15.02 -1.19
N HIS A 30 -16.66 14.77 -0.14
CA HIS A 30 -16.01 15.82 0.72
C HIS A 30 -14.75 16.36 0.02
N PHE A 31 -14.22 15.64 -0.97
CA PHE A 31 -13.10 16.09 -1.85
C PHE A 31 -13.66 17.05 -2.91
N ARG A 32 -12.79 17.78 -3.60
CA ARG A 32 -13.17 18.83 -4.58
C ARG A 32 -12.50 18.51 -5.93
N ILE A 33 -13.31 18.07 -6.90
CA ILE A 33 -12.86 17.68 -8.26
C ILE A 33 -12.49 18.96 -9.03
N GLU A 34 -11.28 19.00 -9.61
CA GLU A 34 -10.76 20.15 -10.40
C GLU A 34 -10.91 19.87 -11.90
N LYS A 35 -10.62 18.64 -12.36
CA LYS A 35 -10.86 18.21 -13.75
C LYS A 35 -10.95 16.68 -13.86
N ILE A 36 -11.76 16.20 -14.80
CA ILE A 36 -11.82 14.79 -15.29
C ILE A 36 -11.39 14.80 -16.76
N GLU A 37 -10.41 13.98 -17.12
CA GLU A 37 -9.84 13.84 -18.49
C GLU A 37 -10.08 12.41 -19.00
N ARG A 38 -10.51 12.24 -20.25
CA ARG A 38 -10.53 10.92 -20.95
C ARG A 38 -9.16 10.67 -21.60
N ILE A 39 -8.64 9.44 -21.50
CA ILE A 39 -7.34 9.01 -22.09
C ILE A 39 -7.62 8.09 -23.30
N GLN A 40 -7.11 8.46 -24.47
CA GLN A 40 -7.35 7.75 -25.75
C GLN A 40 -6.02 7.25 -26.33
N ASN A 41 -5.72 5.97 -26.07
CA ASN A 41 -4.51 5.25 -26.55
C ASN A 41 -4.98 4.09 -27.42
N PRO A 42 -5.17 4.30 -28.74
CA PRO A 42 -5.76 3.28 -29.62
C PRO A 42 -5.05 1.92 -29.54
N ASP A 43 -3.71 1.93 -29.55
CA ASP A 43 -2.87 0.71 -29.45
C ASP A 43 -3.26 -0.05 -28.18
N LEU A 44 -3.27 0.65 -27.05
CA LEU A 44 -3.59 0.08 -25.71
C LEU A 44 -5.03 -0.44 -25.70
N TRP A 45 -5.96 0.36 -26.23
CA TRP A 45 -7.42 0.05 -26.32
C TRP A 45 -7.64 -1.24 -27.10
N ASN A 46 -7.07 -1.31 -28.30
CA ASN A 46 -7.09 -2.53 -29.16
C ASN A 46 -6.57 -3.71 -28.35
N SER A 47 -5.36 -3.58 -27.79
CA SER A 47 -4.71 -4.61 -26.93
C SER A 47 -5.66 -5.07 -25.83
N TYR A 48 -6.25 -4.11 -25.10
CA TYR A 48 -7.21 -4.36 -23.98
C TYR A 48 -8.38 -5.21 -24.50
N GLN A 49 -9.01 -4.76 -25.59
CA GLN A 49 -10.25 -5.35 -26.17
C GLN A 49 -9.95 -6.75 -26.72
N ALA A 50 -8.77 -6.95 -27.31
CA ALA A 50 -8.24 -8.26 -27.77
C ALA A 50 -8.35 -9.27 -26.61
N LYS A 51 -7.87 -8.90 -25.42
CA LYS A 51 -7.91 -9.76 -24.21
C LYS A 51 -9.37 -9.96 -23.79
N LYS A 52 -10.14 -8.86 -23.70
CA LYS A 52 -11.57 -8.90 -23.30
C LYS A 52 -12.33 -9.91 -24.17
N LYS A 53 -12.01 -9.95 -25.48
CA LYS A 53 -12.61 -10.88 -26.46
C LYS A 53 -12.34 -12.33 -26.02
N THR A 54 -11.08 -12.69 -25.80
CA THR A 54 -10.64 -14.08 -25.49
C THR A 54 -11.16 -14.48 -24.10
N MET A 55 -11.32 -13.52 -23.19
CA MET A 55 -11.87 -13.77 -21.83
C MET A 55 -13.38 -13.99 -21.91
N ASP A 56 -14.07 -13.27 -22.80
CA ASP A 56 -15.55 -13.36 -22.98
C ASP A 56 -15.92 -14.67 -23.67
N ALA A 57 -14.94 -15.41 -24.23
CA ALA A 57 -15.13 -16.74 -24.85
C ALA A 57 -14.90 -17.86 -23.83
N LYS A 58 -14.23 -17.55 -22.72
CA LYS A 58 -13.70 -18.55 -21.75
C LYS A 58 -14.62 -18.65 -20.52
N ASN A 59 -15.03 -17.51 -19.96
CA ASN A 59 -15.67 -17.41 -18.62
C ASN A 59 -17.19 -17.52 -18.71
N GLY A 60 -17.73 -17.94 -19.86
CA GLY A 60 -19.16 -18.27 -20.03
C GLY A 60 -20.08 -17.11 -19.66
N GLN A 61 -20.77 -17.20 -18.52
CA GLN A 61 -21.84 -16.25 -18.11
C GLN A 61 -21.25 -15.08 -17.32
N THR A 62 -19.96 -15.15 -16.97
CA THR A 62 -19.26 -14.16 -16.10
C THR A 62 -19.17 -12.80 -16.77
N MET A 63 -19.55 -11.74 -16.04
CA MET A 63 -19.31 -10.33 -16.42
C MET A 63 -17.86 -9.99 -16.07
N ASN A 64 -16.95 -10.08 -17.06
CA ASN A 64 -15.49 -10.08 -16.84
C ASN A 64 -14.99 -8.67 -16.51
N GLU A 65 -15.67 -7.65 -17.02
CA GLU A 65 -15.22 -6.24 -16.88
C GLU A 65 -15.81 -5.63 -15.61
N LYS A 66 -15.01 -4.79 -14.94
CA LYS A 66 -15.45 -3.89 -13.83
C LYS A 66 -14.80 -2.52 -14.03
N GLN A 67 -15.42 -1.47 -13.48
CA GLN A 67 -14.86 -0.10 -13.47
C GLN A 67 -14.45 0.23 -12.03
N LEU A 68 -13.14 0.21 -11.76
CA LEU A 68 -12.53 0.30 -10.41
C LEU A 68 -11.56 1.48 -10.37
N PHE A 69 -11.26 2.01 -9.18
CA PHE A 69 -10.42 3.21 -8.95
C PHE A 69 -8.98 2.78 -8.66
N HIS A 70 -8.01 3.63 -9.02
CA HIS A 70 -6.56 3.44 -8.78
C HIS A 70 -5.86 4.80 -8.62
N GLY A 71 -5.35 5.08 -7.42
CA GLY A 71 -4.57 6.29 -7.12
C GLY A 71 -3.11 6.12 -7.52
N THR A 72 -2.41 7.23 -7.79
CA THR A 72 -0.96 7.23 -8.11
C THR A 72 -0.42 8.65 -7.98
N ASP A 73 0.90 8.78 -8.00
CA ASP A 73 1.61 10.10 -7.94
C ASP A 73 1.46 10.80 -9.27
N ALA A 74 1.40 12.14 -9.25
CA ALA A 74 1.46 13.03 -10.43
C ALA A 74 2.50 12.49 -11.43
N GLY A 75 3.67 12.09 -10.95
CA GLY A 75 4.86 11.74 -11.76
C GLY A 75 4.73 10.37 -12.44
N SER A 76 3.64 9.64 -12.20
CA SER A 76 3.34 8.34 -12.86
C SER A 76 2.35 8.50 -14.03
N VAL A 77 1.66 9.64 -14.14
CA VAL A 77 0.51 9.86 -15.08
C VAL A 77 0.94 9.61 -16.52
N PRO A 78 2.04 10.21 -17.03
CA PRO A 78 2.48 9.95 -18.39
C PRO A 78 2.86 8.48 -18.67
N HIS A 79 3.43 7.78 -17.68
CA HIS A 79 3.82 6.36 -17.83
C HIS A 79 2.57 5.48 -17.99
N VAL A 80 1.53 5.74 -17.19
CA VAL A 80 0.25 4.98 -17.17
C VAL A 80 -0.55 5.30 -18.44
N ASN A 81 -0.62 6.57 -18.84
CA ASN A 81 -1.33 7.01 -20.08
C ASN A 81 -0.78 6.23 -21.26
N ARG A 82 0.54 6.06 -21.33
CA ARG A 82 1.27 5.42 -22.47
C ARG A 82 1.25 3.89 -22.34
N ASN A 83 1.68 3.37 -21.18
CA ASN A 83 2.02 1.94 -20.99
C ASN A 83 0.89 1.19 -20.28
N GLY A 84 -0.01 1.91 -19.58
CA GLY A 84 -1.08 1.31 -18.75
C GLY A 84 -0.53 0.88 -17.41
N PHE A 85 -0.86 -0.34 -16.98
CA PHE A 85 -0.36 -0.94 -15.71
C PHE A 85 0.51 -2.16 -16.05
N ASN A 86 1.60 -1.90 -16.77
CA ASN A 86 2.59 -2.91 -17.25
C ASN A 86 3.37 -3.43 -16.04
N ARG A 87 4.31 -4.35 -16.26
CA ARG A 87 4.91 -5.23 -15.20
C ARG A 87 5.91 -4.47 -14.31
N SER A 88 6.50 -3.37 -14.78
CA SER A 88 7.51 -2.57 -14.04
C SER A 88 6.84 -1.71 -12.94
N TYR A 89 5.60 -1.25 -13.17
CA TYR A 89 4.82 -0.37 -12.27
C TYR A 89 4.24 -1.16 -11.10
N ALA A 90 4.24 -2.50 -11.16
CA ALA A 90 3.78 -3.41 -10.08
C ALA A 90 4.84 -3.53 -8.98
N GLY A 91 6.09 -3.15 -9.27
CA GLY A 91 7.20 -3.10 -8.29
C GLY A 91 7.00 -2.01 -7.26
N LYS A 92 6.09 -1.06 -7.52
CA LYS A 92 5.72 0.10 -6.64
C LYS A 92 4.30 -0.08 -6.10
N ASN A 93 3.80 -1.32 -6.00
CA ASN A 93 2.45 -1.63 -5.46
C ASN A 93 2.62 -2.60 -4.28
N ALA A 94 1.72 -2.55 -3.30
CA ALA A 94 1.71 -3.43 -2.12
C ALA A 94 1.89 -4.88 -2.59
N VAL A 95 2.38 -5.77 -1.70
CA VAL A 95 2.58 -7.21 -2.02
C VAL A 95 1.62 -8.07 -1.18
N ALA A 96 0.87 -7.49 -0.22
CA ALA A 96 0.02 -8.23 0.77
C ALA A 96 -0.77 -9.36 0.08
N TYR A 97 -1.24 -9.12 -1.14
CA TYR A 97 -2.08 -10.06 -1.93
C TYR A 97 -1.39 -10.48 -3.24
N GLY A 98 -0.15 -10.03 -3.48
CA GLY A 98 0.68 -10.44 -4.64
C GLY A 98 1.38 -9.27 -5.31
N LYS A 99 2.22 -9.55 -6.32
CA LYS A 99 3.01 -8.55 -7.08
C LYS A 99 2.30 -8.25 -8.41
N GLY A 100 1.23 -7.48 -8.37
CA GLY A 100 0.54 -6.91 -9.55
C GLY A 100 0.04 -5.51 -9.24
N THR A 101 -0.81 -4.95 -10.10
CA THR A 101 -1.43 -3.61 -9.90
C THR A 101 -2.75 -3.78 -9.15
N TYR A 102 -3.00 -2.91 -8.17
CA TYR A 102 -4.13 -2.99 -7.21
C TYR A 102 -5.23 -2.00 -7.64
N PHE A 103 -6.49 -2.44 -7.60
CA PHE A 103 -7.68 -1.65 -8.03
C PHE A 103 -8.78 -1.77 -6.97
N ALA A 104 -9.20 -0.64 -6.41
CA ALA A 104 -10.21 -0.54 -5.33
C ALA A 104 -11.61 -0.40 -5.92
N VAL A 105 -12.59 -1.11 -5.35
CA VAL A 105 -14.03 -0.99 -5.73
C VAL A 105 -14.53 0.44 -5.42
N ASN A 106 -14.13 1.03 -4.29
CA ASN A 106 -14.54 2.39 -3.85
C ASN A 106 -13.38 3.39 -3.98
N ALA A 107 -13.68 4.65 -4.26
CA ALA A 107 -12.71 5.71 -4.62
C ALA A 107 -11.99 6.24 -3.38
N ASN A 108 -12.56 6.04 -2.18
CA ASN A 108 -11.99 6.50 -0.88
C ASN A 108 -10.73 5.68 -0.55
N TYR A 109 -10.69 4.41 -0.93
N TYR A 109 -10.68 4.41 -0.95
CA TYR A 109 -9.50 3.53 -0.84
CA TYR A 109 -9.48 3.56 -0.80
C TYR A 109 -8.31 4.18 -1.55
C TYR A 109 -8.31 4.18 -1.56
N SER A 110 -8.49 4.51 -2.84
CA SER A 110 -7.46 5.13 -3.71
C SER A 110 -7.11 6.56 -3.23
N ALA A 111 -8.07 7.26 -2.61
CA ALA A 111 -7.96 8.67 -2.16
C ALA A 111 -7.02 8.79 -0.96
N ASN A 112 -6.48 7.67 -0.47
CA ASN A 112 -5.41 7.62 0.58
C ASN A 112 -4.15 8.28 0.02
N ASP A 113 -3.38 8.97 0.88
CA ASP A 113 -2.17 9.73 0.48
C ASP A 113 -1.01 8.78 0.18
N THR A 114 -1.08 7.51 0.60
CA THR A 114 -0.09 6.45 0.26
C THR A 114 -0.15 6.15 -1.24
N TYR A 115 -1.36 6.23 -1.83
CA TYR A 115 -1.67 5.85 -3.23
C TYR A 115 -1.73 7.11 -4.11
N SER A 116 -2.76 7.94 -3.92
CA SER A 116 -2.94 9.25 -4.61
C SER A 116 -2.13 10.32 -3.87
N ARG A 117 -0.80 10.15 -3.91
CA ARG A 117 0.21 11.02 -3.25
C ARG A 117 0.03 12.46 -3.73
N PRO A 118 -0.34 13.42 -2.84
CA PRO A 118 -0.44 14.83 -3.22
C PRO A 118 0.87 15.41 -3.78
N ASP A 119 0.76 16.21 -4.84
CA ASP A 119 1.90 16.83 -5.57
C ASP A 119 2.31 18.13 -4.87
N ALA A 120 3.24 18.89 -5.45
CA ALA A 120 3.74 20.18 -4.91
C ALA A 120 2.59 21.18 -4.73
N ASN A 121 1.54 21.09 -5.55
CA ASN A 121 0.34 21.97 -5.53
C ASN A 121 -0.77 21.39 -4.64
N GLY A 122 -0.55 20.24 -4.02
CA GLY A 122 -1.54 19.57 -3.15
C GLY A 122 -2.69 19.01 -3.95
N ARG A 123 -2.43 18.61 -5.20
CA ARG A 123 -3.41 17.96 -6.11
C ARG A 123 -3.18 16.44 -6.08
N LYS A 124 -4.27 15.67 -5.99
CA LYS A 124 -4.28 14.20 -5.89
C LYS A 124 -4.91 13.61 -7.17
N HIS A 125 -4.47 12.41 -7.55
CA HIS A 125 -4.78 11.76 -8.85
C HIS A 125 -5.30 10.33 -8.61
N VAL A 126 -6.46 10.01 -9.22
CA VAL A 126 -7.14 8.69 -9.17
C VAL A 126 -7.72 8.41 -10.57
N TYR A 127 -7.28 7.31 -11.20
CA TYR A 127 -7.78 6.80 -12.50
C TYR A 127 -9.08 6.01 -12.27
N TYR A 128 -10.07 6.14 -13.17
CA TYR A 128 -11.31 5.34 -13.17
C TYR A 128 -11.19 4.31 -14.29
N VAL A 129 -10.73 3.11 -13.93
CA VAL A 129 -10.09 2.13 -14.86
C VAL A 129 -11.13 1.09 -15.29
N ARG A 130 -11.03 0.61 -16.53
CA ARG A 130 -11.72 -0.62 -16.98
C ARG A 130 -10.77 -1.78 -16.69
N VAL A 131 -11.21 -2.75 -15.91
CA VAL A 131 -10.37 -3.89 -15.47
C VAL A 131 -11.14 -5.19 -15.74
N LEU A 132 -10.43 -6.20 -16.24
CA LEU A 132 -10.96 -7.55 -16.52
C LEU A 132 -10.72 -8.42 -15.28
N THR A 133 -11.64 -8.33 -14.31
CA THR A 133 -11.65 -9.10 -13.04
C THR A 133 -11.96 -10.56 -13.32
N GLY A 134 -12.91 -10.83 -14.21
CA GLY A 134 -13.26 -12.18 -14.71
C GLY A 134 -13.61 -13.12 -13.56
N ILE A 135 -12.94 -14.29 -13.53
CA ILE A 135 -13.09 -15.29 -12.43
C ILE A 135 -11.92 -15.09 -11.46
N TYR A 136 -12.23 -14.87 -10.17
CA TYR A 136 -11.25 -14.47 -9.14
C TYR A 136 -11.43 -15.31 -7.87
N THR A 137 -10.43 -15.26 -6.99
CA THR A 137 -10.32 -16.01 -5.71
C THR A 137 -9.64 -15.13 -4.67
N HIS A 138 -9.41 -15.64 -3.45
CA HIS A 138 -8.64 -15.00 -2.36
C HIS A 138 -7.15 -14.94 -2.73
N GLY A 139 -6.45 -13.88 -2.34
CA GLY A 139 -5.04 -13.62 -2.73
C GLY A 139 -4.07 -13.79 -1.57
N ASN A 140 -2.77 -13.64 -1.85
CA ASN A 140 -1.67 -13.74 -0.85
C ASN A 140 -0.38 -13.14 -1.45
N HIS A 141 0.53 -12.69 -0.58
CA HIS A 141 1.69 -11.82 -0.90
C HIS A 141 2.72 -12.52 -1.81
N SER A 142 2.83 -13.85 -1.71
CA SER A 142 3.91 -14.65 -2.36
C SER A 142 3.69 -14.74 -3.88
N LEU A 143 2.46 -14.49 -4.36
CA LEU A 143 2.06 -14.68 -5.79
C LEU A 143 2.81 -13.67 -6.68
N ILE A 144 3.08 -14.06 -7.93
CA ILE A 144 3.55 -13.16 -9.02
C ILE A 144 2.64 -13.33 -10.26
N VAL A 145 2.00 -14.50 -10.40
CA VAL A 145 0.87 -14.75 -11.35
C VAL A 145 -0.28 -15.35 -10.54
N PRO A 146 -1.56 -15.22 -11.00
CA PRO A 146 -2.69 -15.69 -10.22
C PRO A 146 -2.66 -17.20 -9.99
N PRO A 147 -3.31 -17.72 -8.92
CA PRO A 147 -3.35 -19.16 -8.66
C PRO A 147 -4.04 -19.93 -9.80
N SER A 148 -3.80 -21.24 -9.88
CA SER A 148 -4.47 -22.17 -10.83
C SER A 148 -5.91 -22.42 -10.37
N LYS A 149 -6.90 -22.24 -11.27
CA LYS A 149 -8.33 -22.60 -11.02
C LYS A 149 -8.40 -24.10 -10.75
N ASN A 150 -7.89 -24.89 -11.70
CA ASN A 150 -7.94 -26.38 -11.71
C ASN A 150 -6.53 -26.93 -11.45
N PRO A 151 -6.29 -27.63 -10.31
CA PRO A 151 -5.06 -28.39 -10.13
C PRO A 151 -4.81 -29.47 -11.21
N GLN A 152 -5.89 -30.03 -11.78
CA GLN A 152 -5.84 -31.09 -12.84
C GLN A 152 -5.63 -30.46 -14.23
N ASN A 153 -5.85 -29.15 -14.36
CA ASN A 153 -5.50 -28.33 -15.57
C ASN A 153 -4.92 -27.00 -15.09
N PRO A 154 -3.70 -26.99 -14.52
CA PRO A 154 -3.16 -25.81 -13.85
C PRO A 154 -2.60 -24.70 -14.75
N THR A 155 -2.59 -24.88 -16.08
CA THR A 155 -2.18 -23.83 -17.06
C THR A 155 -3.38 -22.91 -17.36
N ASP A 156 -4.57 -23.25 -16.86
CA ASP A 156 -5.75 -22.36 -16.81
C ASP A 156 -5.80 -21.69 -15.43
N LEU A 157 -5.42 -20.41 -15.36
CA LEU A 157 -5.30 -19.63 -14.10
C LEU A 157 -6.52 -18.73 -13.92
N TYR A 158 -6.79 -18.31 -12.68
CA TYR A 158 -7.74 -17.22 -12.34
C TYR A 158 -7.26 -15.93 -13.01
N ASP A 159 -8.18 -15.01 -13.31
CA ASP A 159 -7.88 -13.75 -14.04
C ASP A 159 -7.28 -12.74 -13.05
N THR A 160 -7.93 -12.59 -11.90
CA THR A 160 -7.50 -11.71 -10.78
C THR A 160 -7.65 -12.46 -9.45
N VAL A 161 -7.12 -11.88 -8.38
CA VAL A 161 -7.37 -12.30 -6.97
C VAL A 161 -7.88 -11.07 -6.21
N THR A 162 -8.79 -11.28 -5.24
CA THR A 162 -9.41 -10.20 -4.42
C THR A 162 -9.08 -10.42 -2.94
N ASP A 163 -9.41 -9.44 -2.11
CA ASP A 163 -9.32 -9.54 -0.62
C ASP A 163 -10.39 -10.52 -0.12
N ASN A 164 -11.58 -10.47 -0.72
CA ASN A 164 -12.81 -11.14 -0.22
C ASN A 164 -13.66 -11.52 -1.44
N VAL A 165 -13.82 -12.83 -1.69
CA VAL A 165 -14.46 -13.40 -2.90
C VAL A 165 -15.94 -12.99 -2.96
N HIS A 166 -16.63 -12.97 -1.81
CA HIS A 166 -18.10 -12.75 -1.74
C HIS A 166 -18.46 -11.26 -1.59
N HIS A 167 -17.59 -10.47 -0.94
N HIS A 167 -17.60 -10.48 -0.93
CA HIS A 167 -17.75 -9.01 -0.75
CA HIS A 167 -17.75 -9.01 -0.75
C HIS A 167 -16.41 -8.31 -0.96
C HIS A 167 -16.41 -8.31 -0.96
N PRO A 168 -15.93 -8.17 -2.23
CA PRO A 168 -14.62 -7.59 -2.50
C PRO A 168 -14.51 -6.08 -2.27
N SER A 169 -13.30 -5.63 -1.94
CA SER A 169 -12.93 -4.21 -1.69
C SER A 169 -11.85 -3.76 -2.69
N LEU A 170 -10.91 -4.65 -3.02
CA LEU A 170 -9.84 -4.40 -4.02
C LEU A 170 -9.61 -5.65 -4.89
N PHE A 171 -8.96 -5.46 -6.04
CA PHE A 171 -8.59 -6.52 -7.01
C PHE A 171 -7.14 -6.34 -7.46
N VAL A 172 -6.45 -7.46 -7.69
CA VAL A 172 -5.04 -7.51 -8.16
C VAL A 172 -5.01 -8.15 -9.55
N ALA A 173 -4.63 -7.36 -10.57
CA ALA A 173 -4.37 -7.82 -11.96
C ALA A 173 -2.85 -7.96 -12.15
N PHE A 174 -2.41 -9.08 -12.74
CA PHE A 174 -0.98 -9.47 -12.89
C PHE A 174 -0.49 -9.28 -14.33
N TYR A 175 -1.36 -9.46 -15.33
CA TYR A 175 -1.02 -9.45 -16.77
C TYR A 175 -1.16 -8.05 -17.36
N ASP A 176 -0.24 -7.69 -18.25
CA ASP A 176 -0.28 -6.45 -19.08
C ASP A 176 -1.55 -6.46 -19.94
N TYR A 177 -2.11 -5.28 -20.21
CA TYR A 177 -3.29 -5.07 -21.10
C TYR A 177 -4.56 -5.67 -20.48
N GLN A 178 -4.60 -5.85 -19.15
CA GLN A 178 -5.77 -6.43 -18.42
C GLN A 178 -6.58 -5.30 -17.76
N ALA A 179 -6.22 -4.04 -18.04
CA ALA A 179 -6.84 -2.82 -17.49
C ALA A 179 -6.57 -1.65 -18.44
N TYR A 180 -7.52 -0.74 -18.60
CA TYR A 180 -7.37 0.48 -19.42
C TYR A 180 -7.66 1.70 -18.57
N PRO A 181 -6.68 2.63 -18.46
CA PRO A 181 -6.84 3.83 -17.65
C PRO A 181 -7.70 4.86 -18.40
N GLU A 182 -9.02 4.65 -18.41
CA GLU A 182 -9.97 5.40 -19.27
C GLU A 182 -10.04 6.86 -18.84
N TYR A 183 -10.28 7.09 -17.54
CA TYR A 183 -10.50 8.43 -16.94
C TYR A 183 -9.43 8.70 -15.89
N LEU A 184 -8.96 9.96 -15.82
CA LEU A 184 -8.09 10.49 -14.75
C LEU A 184 -8.84 11.61 -14.03
N ILE A 185 -9.03 11.48 -12.71
CA ILE A 185 -9.67 12.51 -11.83
C ILE A 185 -8.54 13.26 -11.12
N THR A 186 -8.64 14.60 -11.06
CA THR A 186 -7.71 15.50 -10.34
C THR A 186 -8.54 16.26 -9.29
N PHE A 187 -8.13 16.23 -8.01
CA PHE A 187 -8.92 16.73 -6.86
C PHE A 187 -7.99 17.13 -5.71
N ARG A 188 -8.53 17.90 -4.74
CA ARG A 188 -7.82 18.37 -3.52
C ARG A 188 -8.79 18.34 -2.33
N LYS A 189 -8.24 18.40 -1.11
CA LYS A 189 -8.95 18.20 0.19
C LYS A 189 -9.80 19.44 0.54
N LYS B 1 7.60 16.53 26.84
CA LYS B 1 6.48 17.20 26.13
C LYS B 1 6.92 17.61 24.71
N GLN B 2 8.10 18.24 24.58
CA GLN B 2 8.63 18.74 23.28
C GLN B 2 9.21 17.58 22.46
N GLN B 3 9.55 16.47 23.11
CA GLN B 3 10.01 15.20 22.47
C GLN B 3 11.17 15.48 21.50
N ASN B 4 12.16 16.27 21.93
CA ASN B 4 13.41 16.49 21.15
C ASN B 4 14.09 15.14 20.98
N PHE B 5 15.05 15.03 20.05
CA PHE B 5 15.71 13.75 19.68
C PHE B 5 17.13 14.01 19.19
N CYS B 6 17.87 12.92 19.02
CA CYS B 6 19.25 12.88 18.47
C CYS B 6 19.35 11.71 17.50
N VAL B 7 20.18 11.84 16.47
CA VAL B 7 20.42 10.77 15.46
C VAL B 7 21.89 10.38 15.57
N VAL B 8 22.14 9.20 16.17
CA VAL B 8 23.51 8.62 16.34
C VAL B 8 23.74 7.63 15.20
N GLU B 9 24.75 7.87 14.37
CA GLU B 9 25.15 6.92 13.30
C GLU B 9 25.97 5.78 13.92
N LEU B 10 25.55 4.53 13.68
CA LEU B 10 26.25 3.32 14.14
C LEU B 10 27.43 3.04 13.20
N LEU B 11 28.60 2.79 13.77
CA LEU B 11 29.79 2.26 13.03
C LEU B 11 29.42 0.85 12.54
N PRO B 12 29.79 0.47 11.29
CA PRO B 12 29.64 -0.91 10.84
C PRO B 12 30.33 -1.96 11.73
N SER B 13 31.27 -1.55 12.58
CA SER B 13 31.99 -2.40 13.56
C SER B 13 31.18 -2.54 14.87
N ASP B 14 30.18 -1.68 15.09
CA ASP B 14 29.29 -1.70 16.28
C ASP B 14 28.47 -2.99 16.27
N PRO B 15 28.41 -3.75 17.39
CA PRO B 15 27.53 -4.92 17.48
C PRO B 15 26.10 -4.67 16.96
N GLU B 16 25.49 -3.57 17.42
CA GLU B 16 24.11 -3.13 17.07
C GLU B 16 23.92 -3.15 15.54
N TYR B 17 24.90 -2.67 14.77
CA TYR B 17 24.88 -2.65 13.28
C TYR B 17 24.68 -4.07 12.76
N ASN B 18 25.50 -5.02 13.22
CA ASN B 18 25.48 -6.43 12.74
C ASN B 18 24.09 -7.02 12.99
N THR B 19 23.48 -6.74 14.13
CA THR B 19 22.17 -7.30 14.56
C THR B 19 21.05 -6.76 13.67
N VAL B 20 20.97 -5.43 13.47
CA VAL B 20 19.90 -4.77 12.65
C VAL B 20 20.06 -5.24 11.21
N ALA B 21 21.30 -5.22 10.70
CA ALA B 21 21.68 -5.65 9.32
C ALA B 21 21.29 -7.12 9.12
N SER B 22 21.65 -7.97 10.07
CA SER B 22 21.35 -9.43 10.08
C SER B 22 19.86 -9.67 9.85
N LYS B 23 18.99 -8.93 10.55
CA LYS B 23 17.51 -9.12 10.49
C LYS B 23 17.00 -8.59 9.14
N PHE B 24 17.38 -7.36 8.77
CA PHE B 24 17.06 -6.74 7.46
C PHE B 24 17.39 -7.74 6.36
N ASN B 25 18.58 -8.35 6.44
CA ASN B 25 19.19 -9.20 5.38
C ASN B 25 18.52 -10.57 5.29
N GLN B 26 17.53 -10.88 6.13
CA GLN B 26 16.73 -12.13 6.02
C GLN B 26 15.90 -12.12 4.73
N THR B 27 15.52 -10.93 4.25
CA THR B 27 14.55 -10.76 3.13
C THR B 27 14.99 -9.67 2.15
N CYS B 28 16.07 -8.94 2.45
CA CYS B 28 16.53 -7.74 1.69
C CYS B 28 18.06 -7.78 1.53
N SER B 29 18.61 -8.93 1.13
CA SER B 29 20.07 -9.14 0.96
C SER B 29 20.52 -8.55 -0.39
N HIS B 30 19.62 -8.45 -1.36
CA HIS B 30 19.89 -7.96 -2.75
C HIS B 30 19.95 -6.42 -2.76
N PHE B 31 19.43 -5.76 -1.72
CA PHE B 31 19.56 -4.29 -1.47
C PHE B 31 20.94 -4.01 -0.89
N ARG B 32 21.33 -2.73 -0.84
CA ARG B 32 22.68 -2.29 -0.38
C ARG B 32 22.50 -1.25 0.73
N ILE B 33 22.80 -1.63 1.98
CA ILE B 33 22.73 -0.76 3.19
C ILE B 33 23.84 0.29 3.10
N GLU B 34 23.49 1.57 3.25
CA GLU B 34 24.44 2.72 3.24
C GLU B 34 24.75 3.16 4.67
N LYS B 35 23.73 3.26 5.54
CA LYS B 35 23.94 3.63 6.97
C LYS B 35 22.75 3.17 7.82
N ILE B 36 23.05 2.77 9.06
CA ILE B 36 22.07 2.48 10.15
C ILE B 36 22.30 3.52 11.25
N GLU B 37 21.24 4.22 11.66
CA GLU B 37 21.24 5.28 12.72
C GLU B 37 20.34 4.84 13.87
N ARG B 38 20.78 5.04 15.12
CA ARG B 38 19.91 4.91 16.33
C ARG B 38 19.21 6.25 16.59
N ILE B 39 17.93 6.22 16.93
CA ILE B 39 17.11 7.43 17.27
C ILE B 39 16.85 7.44 18.79
N GLN B 40 17.25 8.53 19.46
CA GLN B 40 17.21 8.68 20.95
C GLN B 40 16.32 9.86 21.31
N ASN B 41 15.05 9.58 21.63
CA ASN B 41 14.01 10.55 22.05
C ASN B 41 13.55 10.20 23.46
N PRO B 42 14.22 10.72 24.52
CA PRO B 42 13.94 10.30 25.89
C PRO B 42 12.46 10.40 26.28
N ASP B 43 11.80 11.51 25.93
CA ASP B 43 10.35 11.74 26.20
C ASP B 43 9.55 10.58 25.61
N LEU B 44 9.79 10.28 24.33
CA LEU B 44 9.09 9.22 23.57
C LEU B 44 9.39 7.85 24.21
N TRP B 45 10.66 7.60 24.52
CA TRP B 45 11.16 6.34 25.14
C TRP B 45 10.46 6.08 26.48
N ASN B 46 10.46 7.08 27.36
CA ASN B 46 9.74 7.06 28.66
C ASN B 46 8.27 6.71 28.40
N SER B 47 7.61 7.49 27.55
CA SER B 47 6.19 7.29 27.14
C SER B 47 5.97 5.84 26.69
N TYR B 48 6.83 5.35 25.78
CA TYR B 48 6.75 3.97 25.22
C TYR B 48 6.80 2.96 26.37
N GLN B 49 7.81 3.09 27.24
CA GLN B 49 8.13 2.12 28.34
C GLN B 49 7.01 2.14 29.39
N ALA B 50 6.44 3.32 29.66
CA ALA B 50 5.25 3.52 30.52
C ALA B 50 4.13 2.57 30.07
N LYS B 51 3.84 2.55 28.77
CA LYS B 51 2.78 1.68 28.17
C LYS B 51 3.23 0.22 28.30
N LYS B 52 4.46 -0.09 27.91
CA LYS B 52 5.03 -1.47 27.96
C LYS B 52 4.84 -2.04 29.38
N LYS B 53 5.05 -1.20 30.40
CA LYS B 53 4.89 -1.56 31.83
C LYS B 53 3.45 -2.02 32.09
N THR B 54 2.45 -1.19 31.73
CA THR B 54 1.02 -1.44 32.02
C THR B 54 0.52 -2.64 31.19
N MET B 55 1.11 -2.86 30.01
CA MET B 55 0.76 -4.01 29.13
C MET B 55 1.35 -5.30 29.71
N ASP B 56 2.56 -5.22 30.29
CA ASP B 56 3.26 -6.40 30.87
C ASP B 56 2.59 -6.84 32.18
N ALA B 57 1.69 -6.02 32.74
CA ALA B 57 0.90 -6.32 33.96
C ALA B 57 -0.44 -6.96 33.59
N LYS B 58 -0.88 -6.82 32.33
CA LYS B 58 -2.24 -7.21 31.85
C LYS B 58 -2.20 -8.57 31.14
N ASN B 59 -1.25 -8.78 30.23
CA ASN B 59 -1.27 -9.88 29.22
C ASN B 59 -0.54 -11.12 29.74
N GLY B 60 -0.25 -11.19 31.04
CA GLY B 60 0.22 -12.42 31.71
C GLY B 60 1.50 -12.96 31.09
N GLN B 61 1.42 -14.07 30.36
CA GLN B 61 2.60 -14.82 29.84
C GLN B 61 3.00 -14.31 28.46
N THR B 62 2.19 -13.43 27.86
CA THR B 62 2.37 -12.88 26.48
C THR B 62 3.65 -12.04 26.40
N MET B 63 4.48 -12.32 25.39
CA MET B 63 5.63 -11.44 24.98
C MET B 63 5.05 -10.31 24.14
N ASN B 64 4.80 -9.15 24.76
CA ASN B 64 4.00 -8.04 24.18
C ASN B 64 4.80 -7.30 23.12
N GLU B 65 6.13 -7.28 23.23
CA GLU B 65 7.01 -6.51 22.33
C GLU B 65 7.42 -7.37 21.13
N LYS B 66 7.50 -6.74 19.97
CA LYS B 66 8.09 -7.29 18.72
C LYS B 66 8.95 -6.21 18.05
N GLN B 67 9.94 -6.63 17.26
CA GLN B 67 10.78 -5.72 16.44
C GLN B 67 10.39 -5.94 14.97
N LEU B 68 9.66 -4.98 14.41
CA LEU B 68 9.01 -5.05 13.08
C LEU B 68 9.48 -3.88 12.22
N PHE B 69 9.42 -4.01 10.89
CA PHE B 69 9.89 -3.01 9.89
C PHE B 69 8.74 -2.09 9.48
N HIS B 70 9.09 -0.86 9.09
CA HIS B 70 8.14 0.17 8.58
C HIS B 70 8.88 1.13 7.63
N GLY B 71 8.51 1.12 6.35
CA GLY B 71 9.04 2.02 5.32
C GLY B 71 8.31 3.35 5.33
N THR B 72 8.98 4.41 4.87
CA THR B 72 8.36 5.76 4.73
C THR B 72 9.24 6.62 3.83
N ASP B 73 8.72 7.77 3.40
CA ASP B 73 9.41 8.73 2.51
C ASP B 73 10.48 9.46 3.34
N ALA B 74 11.58 9.84 2.70
CA ALA B 74 12.64 10.72 3.26
C ALA B 74 11.99 11.86 4.04
N GLY B 75 10.93 12.47 3.49
CA GLY B 75 10.30 13.69 4.02
C GLY B 75 9.45 13.45 5.27
N SER B 76 9.32 12.20 5.72
CA SER B 76 8.58 11.83 6.97
C SER B 76 9.54 11.59 8.14
N VAL B 77 10.85 11.46 7.90
CA VAL B 77 11.87 11.01 8.91
C VAL B 77 11.86 11.94 10.12
N PRO B 78 11.95 13.29 9.96
CA PRO B 78 11.90 14.20 11.09
C PRO B 78 10.61 14.14 11.91
N HIS B 79 9.47 13.90 11.27
CA HIS B 79 8.15 13.80 11.95
C HIS B 79 8.12 12.55 12.85
N VAL B 80 8.63 11.42 12.34
CA VAL B 80 8.63 10.10 13.04
C VAL B 80 9.66 10.13 14.17
N ASN B 81 10.85 10.70 13.92
CA ASN B 81 11.93 10.83 14.93
C ASN B 81 11.38 11.55 16.15
N ARG B 82 10.60 12.63 15.93
CA ARG B 82 10.06 13.52 16.98
C ARG B 82 8.78 12.93 17.59
N ASN B 83 7.80 12.60 16.75
CA ASN B 83 6.40 12.30 17.18
C ASN B 83 6.14 10.79 17.24
N GLY B 84 6.96 9.97 16.57
CA GLY B 84 6.76 8.51 16.45
C GLY B 84 5.73 8.20 15.38
N PHE B 85 4.77 7.34 15.68
CA PHE B 85 3.65 6.97 14.77
C PHE B 85 2.34 7.44 15.42
N ASN B 86 2.22 8.75 15.62
CA ASN B 86 1.03 9.42 16.21
C ASN B 86 -0.14 9.32 15.21
N ARG B 87 -1.31 9.87 15.57
CA ARG B 87 -2.62 9.54 14.94
C ARG B 87 -2.79 10.23 13.58
N SER B 88 -2.06 11.32 13.31
CA SER B 88 -2.15 12.10 12.04
C SER B 88 -1.45 11.36 10.88
N TYR B 89 -0.38 10.61 11.18
CA TYR B 89 0.47 9.87 10.19
C TYR B 89 -0.25 8.60 9.71
N ALA B 90 -1.29 8.15 10.42
CA ALA B 90 -2.10 6.94 10.10
C ALA B 90 -3.09 7.26 8.97
N GLY B 91 -3.36 8.54 8.72
CA GLY B 91 -4.23 9.03 7.62
C GLY B 91 -3.63 8.73 6.26
N LYS B 92 -2.31 8.46 6.19
CA LYS B 92 -1.58 8.10 4.94
C LYS B 92 -1.03 6.67 5.05
N ASN B 93 -1.78 5.74 5.66
CA ASN B 93 -1.44 4.30 5.70
C ASN B 93 -2.55 3.48 5.03
N ALA B 96 -6.93 -1.61 4.40
CA ALA B 96 -7.51 -2.97 4.23
C ALA B 96 -7.82 -3.60 5.58
N TYR B 97 -7.03 -3.31 6.62
CA TYR B 97 -7.12 -3.93 7.97
C TYR B 97 -7.41 -2.87 9.06
N GLY B 98 -7.59 -1.59 8.68
CA GLY B 98 -7.98 -0.51 9.62
C GLY B 98 -7.19 0.78 9.41
N LYS B 99 -7.54 1.84 10.16
CA LYS B 99 -6.89 3.18 10.07
C LYS B 99 -5.93 3.35 11.27
N GLY B 100 -4.76 2.70 11.19
CA GLY B 100 -3.64 2.87 12.13
C GLY B 100 -2.32 2.78 11.39
N THR B 101 -1.19 2.71 12.09
CA THR B 101 0.16 2.55 11.48
C THR B 101 0.46 1.05 11.31
N TYR B 102 1.00 0.69 10.15
CA TYR B 102 1.21 -0.71 9.71
C TYR B 102 2.69 -1.09 9.90
N PHE B 103 2.93 -2.28 10.43
CA PHE B 103 4.29 -2.81 10.75
C PHE B 103 4.42 -4.24 10.23
N ALA B 104 5.39 -4.46 9.33
CA ALA B 104 5.62 -5.74 8.64
C ALA B 104 6.62 -6.59 9.44
N VAL B 105 6.36 -7.89 9.57
CA VAL B 105 7.30 -8.87 10.19
C VAL B 105 8.59 -8.93 9.37
N ASN B 106 8.50 -8.90 8.04
CA ASN B 106 9.67 -9.00 7.11
C ASN B 106 9.94 -7.64 6.45
N ALA B 107 11.21 -7.36 6.14
CA ALA B 107 11.71 -6.04 5.67
C ALA B 107 11.40 -5.84 4.18
N ASN B 108 11.11 -6.92 3.44
CA ASN B 108 10.81 -6.88 1.98
C ASN B 108 9.44 -6.23 1.75
N TYR B 109 8.50 -6.41 2.68
N TYR B 109 8.50 -6.39 2.69
CA TYR B 109 7.18 -5.73 2.70
CA TYR B 109 7.18 -5.73 2.70
C TYR B 109 7.37 -4.21 2.64
C TYR B 109 7.38 -4.21 2.65
N SER B 110 8.14 -3.68 3.60
CA SER B 110 8.44 -2.24 3.77
C SER B 110 9.29 -1.72 2.60
N ALA B 111 10.14 -2.58 2.00
CA ALA B 111 11.10 -2.25 0.93
C ALA B 111 10.38 -1.94 -0.40
N ASN B 112 9.05 -2.06 -0.42
CA ASN B 112 8.17 -1.65 -1.55
C ASN B 112 8.31 -0.13 -1.75
N ASP B 113 8.25 0.34 -3.00
CA ASP B 113 8.43 1.78 -3.36
C ASP B 113 7.19 2.60 -2.97
N THR B 114 6.06 1.96 -2.70
CA THR B 114 4.81 2.62 -2.19
C THR B 114 5.07 3.14 -0.77
N TYR B 115 5.87 2.39 0.01
CA TYR B 115 6.14 2.64 1.45
C TYR B 115 7.49 3.35 1.60
N SER B 116 8.60 2.67 1.35
CA SER B 116 9.98 3.24 1.36
C SER B 116 10.24 3.93 0.02
N ARG B 117 9.50 5.02 -0.23
CA ARG B 117 9.55 5.84 -1.48
C ARG B 117 10.96 6.35 -1.71
N PRO B 118 11.65 5.93 -2.79
CA PRO B 118 12.98 6.46 -3.13
C PRO B 118 13.02 7.99 -3.29
N ASP B 119 14.06 8.63 -2.76
CA ASP B 119 14.23 10.11 -2.75
C ASP B 119 14.91 10.53 -4.07
N ALA B 120 15.25 11.81 -4.21
CA ALA B 120 15.89 12.38 -5.43
C ALA B 120 17.23 11.66 -5.71
N ASN B 121 17.90 11.17 -4.66
CA ASN B 121 19.21 10.47 -4.75
C ASN B 121 19.03 8.95 -4.88
N GLY B 122 17.78 8.47 -4.93
CA GLY B 122 17.46 7.04 -5.08
C GLY B 122 17.78 6.27 -3.82
N ARG B 123 17.68 6.92 -2.65
CA ARG B 123 17.87 6.31 -1.31
C ARG B 123 16.49 6.00 -0.70
N LYS B 124 16.34 4.81 -0.13
CA LYS B 124 15.08 4.30 0.47
C LYS B 124 15.27 4.15 2.00
N HIS B 125 14.18 4.31 2.76
CA HIS B 125 14.18 4.42 4.24
C HIS B 125 13.18 3.42 4.84
N VAL B 126 13.64 2.63 5.83
CA VAL B 126 12.86 1.62 6.59
C VAL B 126 13.32 1.68 8.05
N TYR B 127 12.40 1.96 8.97
CA TYR B 127 12.63 1.96 10.44
C TYR B 127 12.56 0.52 10.96
N TYR B 128 13.42 0.15 11.92
CA TYR B 128 13.36 -1.15 12.65
C TYR B 128 12.81 -0.86 14.05
N VAL B 129 11.49 -1.02 14.18
CA VAL B 129 10.66 -0.40 15.25
C VAL B 129 10.46 -1.40 16.39
N ARG B 130 10.42 -0.92 17.63
CA ARG B 130 9.89 -1.70 18.78
C ARG B 130 8.39 -1.42 18.84
N VAL B 131 7.58 -2.47 18.77
CA VAL B 131 6.09 -2.37 18.73
C VAL B 131 5.50 -3.31 19.78
N LEU B 132 4.48 -2.83 20.49
CA LEU B 132 3.73 -3.60 21.51
C LEU B 132 2.52 -4.24 20.81
N THR B 133 2.74 -5.42 20.22
CA THR B 133 1.72 -6.25 19.51
C THR B 133 0.76 -6.85 20.55
N GLY B 134 1.28 -7.30 21.69
CA GLY B 134 0.51 -7.84 22.83
C GLY B 134 -0.43 -8.96 22.41
N ILE B 135 -1.71 -8.83 22.75
CA ILE B 135 -2.80 -9.77 22.36
C ILE B 135 -3.51 -9.18 21.15
N TYR B 136 -3.56 -9.94 20.05
CA TYR B 136 -4.04 -9.48 18.72
C TYR B 136 -5.01 -10.50 18.12
N THR B 137 -5.74 -10.06 17.08
CA THR B 137 -6.79 -10.84 16.36
C THR B 137 -6.71 -10.48 14.86
N HIS B 138 -7.61 -11.05 14.05
CA HIS B 138 -7.80 -10.71 12.61
C HIS B 138 -8.39 -9.30 12.48
N GLY B 139 -7.99 -8.54 11.45
CA GLY B 139 -8.36 -7.12 11.25
C GLY B 139 -9.31 -6.93 10.08
N ASN B 140 -9.74 -5.67 9.84
CA ASN B 140 -10.65 -5.27 8.73
C ASN B 140 -10.62 -3.75 8.57
N HIS B 141 -10.97 -3.26 7.37
CA HIS B 141 -10.72 -1.87 6.88
C HIS B 141 -11.53 -0.84 7.67
N SER B 142 -12.71 -1.21 8.18
CA SER B 142 -13.70 -0.29 8.79
C SER B 142 -13.23 0.21 10.17
N LEU B 143 -12.28 -0.49 10.79
CA LEU B 143 -11.81 -0.21 12.18
C LEU B 143 -11.09 1.15 12.23
N ILE B 144 -11.18 1.83 13.38
CA ILE B 144 -10.37 3.04 13.74
C ILE B 144 -9.71 2.82 15.12
N VAL B 145 -10.29 1.96 15.97
CA VAL B 145 -9.66 1.40 17.21
C VAL B 145 -9.78 -0.12 17.15
N PRO B 146 -8.92 -0.89 17.85
CA PRO B 146 -8.95 -2.35 17.77
C PRO B 146 -10.29 -2.93 18.27
N PRO B 147 -10.69 -4.15 17.82
CA PRO B 147 -11.91 -4.77 18.30
C PRO B 147 -11.87 -5.05 19.82
N SER B 148 -13.04 -5.24 20.44
CA SER B 148 -13.19 -5.58 21.88
C SER B 148 -12.80 -7.05 22.11
N ASP B 156 -12.20 -2.96 27.40
CA ASP B 156 -10.92 -3.71 27.28
C ASP B 156 -10.79 -4.26 25.86
N LEU B 157 -9.94 -3.61 25.04
CA LEU B 157 -9.75 -3.91 23.60
C LEU B 157 -8.47 -4.73 23.41
N TYR B 158 -8.35 -5.43 22.27
CA TYR B 158 -7.08 -6.02 21.74
C TYR B 158 -6.06 -4.89 21.56
N ASP B 159 -4.77 -5.22 21.65
CA ASP B 159 -3.65 -4.23 21.57
C ASP B 159 -3.43 -3.85 20.10
N THR B 160 -3.33 -4.86 19.23
CA THR B 160 -3.17 -4.72 17.76
C THR B 160 -4.10 -5.71 17.05
N VAL B 161 -4.21 -5.59 15.72
CA VAL B 161 -4.85 -6.60 14.81
C VAL B 161 -3.83 -6.98 13.72
N THR B 162 -3.84 -8.24 13.28
CA THR B 162 -2.90 -8.78 12.25
C THR B 162 -3.69 -9.25 11.02
N ASP B 163 -2.97 -9.59 9.95
CA ASP B 163 -3.53 -10.25 8.74
C ASP B 163 -3.95 -11.68 9.09
N ASN B 164 -3.14 -12.35 9.91
CA ASN B 164 -3.22 -13.82 10.16
C ASN B 164 -2.72 -14.08 11.59
N VAL B 165 -3.63 -14.53 12.47
CA VAL B 165 -3.40 -14.70 13.93
C VAL B 165 -2.30 -15.74 14.17
N HIS B 166 -2.28 -16.84 13.39
CA HIS B 166 -1.39 -18.01 13.62
C HIS B 166 -0.06 -17.87 12.88
N HIS B 167 -0.06 -17.19 11.72
N HIS B 167 -0.05 -17.22 11.70
CA HIS B 167 1.15 -16.90 10.89
CA HIS B 167 1.17 -16.91 10.91
C HIS B 167 1.09 -15.47 10.37
C HIS B 167 1.09 -15.48 10.39
N PRO B 168 1.36 -14.46 11.23
CA PRO B 168 1.26 -13.05 10.83
C PRO B 168 2.36 -12.56 9.88
N SER B 169 2.03 -11.56 9.06
CA SER B 169 2.93 -10.89 8.09
C SER B 169 3.04 -9.40 8.42
N LEU B 170 1.93 -8.77 8.84
CA LEU B 170 1.91 -7.35 9.27
C LEU B 170 1.03 -7.18 10.53
N PHE B 171 1.21 -6.05 11.22
CA PHE B 171 0.46 -5.66 12.43
C PHE B 171 0.02 -4.19 12.31
N VAL B 172 -1.17 -3.90 12.86
CA VAL B 172 -1.77 -2.54 12.87
C VAL B 172 -1.90 -2.07 14.32
N ALA B 173 -1.15 -1.03 14.69
CA ALA B 173 -1.23 -0.31 15.99
C ALA B 173 -2.03 0.97 15.80
N PHE B 174 -2.97 1.25 16.71
CA PHE B 174 -3.95 2.38 16.63
C PHE B 174 -3.57 3.48 17.62
N TYR B 175 -3.00 3.12 18.78
CA TYR B 175 -2.72 4.04 19.92
C TYR B 175 -1.33 4.67 19.80
N ASP B 176 -1.22 5.95 20.16
CA ASP B 176 0.06 6.71 20.25
C ASP B 176 0.94 6.05 21.33
N TYR B 177 2.26 6.11 21.14
CA TYR B 177 3.30 5.62 22.08
C TYR B 177 3.26 4.09 22.19
N GLN B 178 2.74 3.40 21.17
CA GLN B 178 2.63 1.91 21.14
C GLN B 178 3.78 1.34 20.27
N ALA B 179 4.70 2.19 19.83
CA ALA B 179 5.84 1.85 18.95
C ALA B 179 6.95 2.88 19.14
N TYR B 180 8.22 2.46 19.08
CA TYR B 180 9.39 3.36 19.15
C TYR B 180 10.27 3.14 17.92
N PRO B 181 10.53 4.21 17.13
CA PRO B 181 11.33 4.09 15.91
C PRO B 181 12.81 4.05 16.27
N GLU B 182 13.30 2.90 16.75
CA GLU B 182 14.64 2.76 17.37
C GLU B 182 15.74 2.96 16.31
N TYR B 183 15.64 2.24 15.19
CA TYR B 183 16.67 2.22 14.12
C TYR B 183 16.06 2.72 12.81
N LEU B 184 16.84 3.48 12.05
CA LEU B 184 16.52 3.94 10.67
C LEU B 184 17.58 3.36 9.75
N ILE B 185 17.16 2.56 8.76
CA ILE B 185 18.05 1.97 7.73
C ILE B 185 17.92 2.83 6.46
N THR B 186 19.06 3.15 5.83
CA THR B 186 19.15 3.84 4.52
C THR B 186 19.84 2.89 3.53
N PHE B 187 19.22 2.64 2.37
CA PHE B 187 19.65 1.63 1.38
C PHE B 187 19.21 2.03 -0.03
N ARG B 188 19.81 1.40 -1.04
CA ARG B 188 19.53 1.61 -2.48
C ARG B 188 19.59 0.27 -3.24
N LYS B 189 19.06 0.22 -4.46
CA LYS B 189 18.88 -1.03 -5.28
C LYS B 189 20.21 -1.47 -5.90
#